data_3U3D
#
_entry.id   3U3D
#
_cell.length_a   32.511
_cell.length_b   103.328
_cell.length_c   105.512
_cell.angle_alpha   90.000
_cell.angle_beta   90.000
_cell.angle_gamma   90.000
#
_symmetry.space_group_name_H-M   'P 21 21 2'
#
loop_
_entity.id
_entity.type
_entity.pdbx_description
1 polymer 'Transcriptional regulatory protein sir2 homologue'
2 polymer 'histone 3 myristoyl lysine 9 peptide'
3 non-polymer GLYCEROL
4 non-polymer 'ZINC ION'
5 water water
#
loop_
_entity_poly.entity_id
_entity_poly.type
_entity_poly.pdbx_seq_one_letter_code
_entity_poly.pdbx_strand_id
1 'polypeptide(L)'
;GSHMASMTGGQQMGRGSMGNLMISFLKKDTQSITLEELAKIIKKCKHVVALTGSGTSAESNIPSFRGSSNSIWSKYDPRI
YGTIWGFWKYPEKIWEVIRDISSDYEIEINNGHVALSTLESLGYLKSVVTQNVDGLHEASGNTKVISLHGNVFEAVCCTC
NKIVKLNKIMLQKTSHFMHQLPPECPCGGIFKPNIILFGEVVSSDLLKEAEEEIAKCDLLLVIGTSSTVSTATNLCHFAC
KKKKKIVEINISKTYITNKMSDYHVCAKFSELTKVANILKGSSEKNKKIM
;
A
2 'polypeptide(L)' KQTAR(MYK)STGGWW B
#
loop_
_chem_comp.id
_chem_comp.type
_chem_comp.name
_chem_comp.formula
GOL non-polymer GLYCEROL 'C3 H8 O3'
ZN non-polymer 'ZINC ION' 'Zn 2'
#
# COMPACT_ATOMS: atom_id res chain seq x y z
N LYS A 27 0.10 2.52 -24.36
CA LYS A 27 1.26 3.22 -25.01
C LYS A 27 0.98 4.70 -25.29
N LYS A 28 1.74 5.61 -24.67
CA LYS A 28 1.53 7.11 -24.72
C LYS A 28 2.63 7.99 -24.05
N ASP A 29 2.60 9.31 -24.29
CA ASP A 29 3.71 10.22 -23.92
C ASP A 29 3.63 11.01 -22.56
N THR A 30 4.24 10.45 -21.51
CA THR A 30 4.22 11.01 -20.14
C THR A 30 5.03 12.28 -19.93
N GLN A 31 4.50 13.29 -19.22
CA GLN A 31 5.26 14.53 -18.90
C GLN A 31 5.72 14.73 -17.42
N SER A 32 6.94 15.23 -17.24
CA SER A 32 7.52 15.61 -15.91
C SER A 32 6.91 16.87 -15.38
N ILE A 33 6.44 16.83 -14.15
CA ILE A 33 5.91 18.04 -13.51
C ILE A 33 6.48 18.20 -12.11
N THR A 34 6.31 19.39 -11.58
CA THR A 34 6.86 19.75 -10.28
C THR A 34 5.80 19.47 -9.21
N LEU A 35 6.16 19.53 -7.92
CA LEU A 35 5.15 19.37 -6.86
C LEU A 35 4.16 20.55 -6.83
N GLU A 36 4.72 21.75 -7.00
CA GLU A 36 3.96 22.99 -7.09
C GLU A 36 2.88 22.81 -8.14
N GLU A 37 3.26 22.27 -9.30
CA GLU A 37 2.30 21.98 -10.38
C GLU A 37 1.28 20.87 -10.08
N LEU A 38 1.64 19.89 -9.23
CA LEU A 38 0.67 18.90 -8.88
C LEU A 38 -0.36 19.53 -7.97
N ALA A 39 0.07 20.50 -7.16
CA ALA A 39 -0.84 21.15 -6.22
C ALA A 39 -1.95 21.77 -7.03
N LYS A 40 -1.56 22.45 -8.11
CA LYS A 40 -2.55 23.01 -9.01
C LYS A 40 -3.49 22.00 -9.69
N ILE A 41 -2.98 20.88 -10.20
CA ILE A 41 -3.86 19.83 -10.73
C ILE A 41 -4.90 19.36 -9.70
N ILE A 42 -4.46 19.10 -8.46
CA ILE A 42 -5.37 18.67 -7.39
C ILE A 42 -6.35 19.75 -6.94
N LYS A 43 -6.03 21.03 -7.13
CA LYS A 43 -6.93 22.13 -6.72
C LYS A 43 -8.27 22.14 -7.50
N LYS A 44 -8.19 21.78 -8.78
CA LYS A 44 -9.36 21.71 -9.67
C LYS A 44 -10.26 20.52 -9.38
N CYS A 45 -9.73 19.52 -8.68
CA CYS A 45 -10.34 18.18 -8.55
C CYS A 45 -11.35 17.93 -7.44
N LYS A 46 -12.33 17.08 -7.74
CA LYS A 46 -13.38 16.78 -6.77
C LYS A 46 -13.28 15.38 -6.13
N HIS A 47 -12.56 14.46 -6.74
CA HIS A 47 -12.61 13.09 -6.27
C HIS A 47 -11.26 12.44 -6.60
N VAL A 48 -10.23 12.66 -5.77
CA VAL A 48 -8.89 12.11 -6.05
C VAL A 48 -8.73 10.71 -5.40
N VAL A 49 -8.02 9.79 -6.05
CA VAL A 49 -7.76 8.48 -5.43
C VAL A 49 -6.27 8.28 -5.45
N ALA A 50 -5.78 7.65 -4.36
CA ALA A 50 -4.38 7.34 -4.28
C ALA A 50 -4.27 5.84 -4.33
N LEU A 51 -3.35 5.42 -5.20
CA LEU A 51 -2.94 4.03 -5.35
C LEU A 51 -1.52 3.95 -4.82
N THR A 52 -1.32 3.17 -3.76
CA THR A 52 -0.02 3.13 -3.08
C THR A 52 0.64 1.73 -2.98
N GLY A 53 1.96 1.73 -3.16
CA GLY A 53 2.81 0.55 -3.15
C GLY A 53 3.87 0.69 -2.02
N SER A 54 4.83 -0.26 -1.91
CA SER A 54 5.74 -0.27 -0.76
C SER A 54 6.62 0.98 -0.59
N GLY A 55 6.93 1.66 -1.69
CA GLY A 55 7.66 2.93 -1.63
C GLY A 55 7.18 3.95 -0.60
N THR A 56 5.90 3.88 -0.20
CA THR A 56 5.31 4.82 0.78
C THR A 56 5.52 4.40 2.22
N SER A 57 6.03 3.19 2.43
CA SER A 57 6.46 2.69 3.74
C SER A 57 7.99 2.67 3.93
N ALA A 58 8.73 3.02 2.87
CA ALA A 58 10.18 2.97 2.94
C ALA A 58 10.75 3.92 4.02
N GLU A 59 10.22 5.14 4.07
CA GLU A 59 10.65 6.12 5.04
C GLU A 59 9.89 5.89 6.33
N SER A 60 9.33 4.70 6.47
CA SER A 60 8.87 4.27 7.76
C SER A 60 9.75 3.15 8.25
N ASN A 61 10.76 2.81 7.44
CA ASN A 61 11.75 1.79 7.81
C ASN A 61 11.42 0.37 7.39
N ILE A 62 10.92 0.17 6.17
CA ILE A 62 10.69 -1.17 5.63
C ILE A 62 11.17 -1.11 4.18
N PRO A 63 12.23 -1.87 3.85
CA PRO A 63 12.84 -1.67 2.50
C PRO A 63 12.03 -2.23 1.32
N SER A 64 11.88 -1.42 0.29
CA SER A 64 11.09 -1.77 -0.88
C SER A 64 11.91 -2.55 -1.91
N PHE A 65 13.17 -2.13 -2.11
CA PHE A 65 14.15 -2.86 -2.91
C PHE A 65 13.90 -4.38 -2.79
N ARG A 66 14.05 -4.93 -1.57
CA ARG A 66 13.70 -6.34 -1.29
CA ARG A 66 13.72 -6.34 -1.28
C ARG A 66 14.87 -7.26 -1.64
N GLY A 67 15.71 -6.79 -2.55
CA GLY A 67 16.98 -7.44 -2.88
C GLY A 67 18.16 -6.79 -2.15
N SER A 68 17.90 -5.73 -1.38
CA SER A 68 18.94 -5.10 -0.54
C SER A 68 19.46 -6.10 0.48
N SER A 69 20.76 -6.00 0.76
CA SER A 69 21.43 -6.77 1.81
C SER A 69 21.51 -5.95 3.10
N ASN A 70 21.21 -4.65 2.98
CA ASN A 70 21.07 -3.72 4.12
C ASN A 70 19.77 -3.95 4.87
N SER A 71 19.27 -5.19 4.91
CA SER A 71 17.89 -5.40 5.37
C SER A 71 17.50 -6.83 5.78
N ILE A 72 16.26 -6.92 6.24
CA ILE A 72 15.63 -8.15 6.71
C ILE A 72 15.42 -9.22 5.61
N TRP A 73 14.83 -8.79 4.48
CA TRP A 73 14.45 -9.66 3.37
C TRP A 73 15.56 -10.67 3.10
N SER A 74 16.80 -10.24 3.37
CA SER A 74 18.04 -11.05 3.39
C SER A 74 18.06 -12.36 4.24
N LYS A 75 17.59 -12.38 5.48
CA LYS A 75 17.63 -13.62 6.31
C LYS A 75 16.77 -14.73 5.68
N TYR A 76 15.87 -14.32 4.81
CA TYR A 76 14.72 -15.17 4.44
C TYR A 76 14.55 -15.29 2.93
N ASP A 77 14.21 -16.48 2.48
CA ASP A 77 14.11 -16.72 1.04
C ASP A 77 12.70 -16.35 0.63
N PRO A 78 12.55 -15.29 -0.18
CA PRO A 78 11.27 -14.82 -0.71
C PRO A 78 10.51 -15.86 -1.53
N ARG A 79 11.20 -16.82 -2.12
CA ARG A 79 10.58 -18.03 -2.72
C ARG A 79 9.82 -18.95 -1.72
N ILE A 80 10.11 -18.84 -0.44
CA ILE A 80 9.38 -19.57 0.57
C ILE A 80 8.32 -18.68 1.32
N TYR A 81 8.74 -17.58 1.94
CA TYR A 81 7.79 -16.80 2.72
C TYR A 81 6.78 -16.02 1.90
N GLY A 82 7.14 -15.73 0.67
CA GLY A 82 6.33 -14.86 -0.18
C GLY A 82 5.21 -15.55 -0.94
N THR A 83 5.23 -16.89 -0.99
CA THR A 83 4.30 -17.64 -1.85
C THR A 83 3.43 -18.59 -1.08
N ILE A 84 2.30 -18.97 -1.65
CA ILE A 84 1.33 -19.85 -0.99
C ILE A 84 1.88 -21.29 -0.99
N TRP A 85 2.62 -21.72 -2.01
CA TRP A 85 3.33 -23.03 -1.92
C TRP A 85 4.21 -22.95 -0.67
N GLY A 86 4.77 -21.78 -0.41
CA GLY A 86 5.75 -21.71 0.70
C GLY A 86 5.12 -21.74 2.05
N PHE A 87 3.97 -21.07 2.17
CA PHE A 87 3.16 -21.23 3.33
C PHE A 87 2.79 -22.73 3.64
N TRP A 88 2.34 -23.50 2.72
CA TRP A 88 1.96 -24.83 3.13
C TRP A 88 3.08 -25.72 3.48
N LYS A 89 4.28 -25.48 2.97
CA LYS A 89 5.41 -26.28 3.33
C LYS A 89 6.08 -25.82 4.58
N TYR A 90 6.28 -24.52 4.71
CA TYR A 90 6.95 -23.94 5.89
C TYR A 90 6.04 -22.81 6.42
N PRO A 91 4.88 -23.17 7.03
CA PRO A 91 4.03 -22.05 7.50
C PRO A 91 4.66 -21.20 8.63
N GLU A 92 5.73 -21.64 9.29
CA GLU A 92 6.36 -20.77 10.28
C GLU A 92 7.07 -19.52 9.65
N LYS A 93 7.42 -19.60 8.37
CA LYS A 93 8.32 -18.62 7.80
C LYS A 93 7.69 -17.24 7.59
N ILE A 94 6.52 -17.14 6.99
CA ILE A 94 5.96 -15.82 6.94
C ILE A 94 5.68 -15.22 8.36
N TRP A 95 5.40 -16.07 9.34
CA TRP A 95 5.29 -15.51 10.65
C TRP A 95 6.62 -14.90 11.21
N GLU A 96 7.73 -15.61 10.98
CA GLU A 96 9.06 -15.12 11.39
C GLU A 96 9.41 -13.76 10.83
N VAL A 97 8.94 -13.52 9.61
CA VAL A 97 9.33 -12.37 8.88
C VAL A 97 8.52 -11.22 9.44
N ILE A 98 7.28 -11.49 9.77
CA ILE A 98 6.39 -10.47 10.22
C ILE A 98 6.83 -10.09 11.65
N ARG A 99 7.09 -11.12 12.42
CA ARG A 99 7.66 -10.97 13.74
C ARG A 99 8.96 -10.12 13.76
N ASP A 100 9.98 -10.46 12.93
CA ASP A 100 11.26 -9.74 12.96
C ASP A 100 11.13 -8.30 12.44
N ILE A 101 10.22 -8.06 11.52
CA ILE A 101 10.08 -6.72 11.04
C ILE A 101 9.42 -5.87 12.12
N SER A 102 8.49 -6.49 12.85
CA SER A 102 7.76 -5.77 13.90
C SER A 102 8.56 -5.55 15.15
N SER A 103 9.44 -6.51 15.44
CA SER A 103 10.22 -6.45 16.65
C SER A 103 11.47 -5.63 16.44
N ASP A 104 12.01 -5.58 15.23
CA ASP A 104 13.39 -5.15 15.13
C ASP A 104 13.49 -3.75 14.52
N TYR A 105 12.37 -3.11 14.21
CA TYR A 105 12.40 -1.82 13.52
C TYR A 105 11.43 -0.85 14.14
N GLU A 106 11.80 0.42 14.07
CA GLU A 106 10.91 1.50 14.56
C GLU A 106 9.99 1.94 13.39
N ILE A 107 8.70 1.65 13.53
CA ILE A 107 7.77 1.75 12.43
C ILE A 107 6.69 2.73 12.81
N GLU A 108 6.78 3.90 12.19
CA GLU A 108 5.94 5.03 12.46
C GLU A 108 5.46 5.65 11.18
N ILE A 109 4.22 6.11 11.20
CA ILE A 109 3.72 7.07 10.22
C ILE A 109 4.73 8.16 9.82
N ASN A 110 4.95 8.35 8.54
CA ASN A 110 5.83 9.44 8.11
C ASN A 110 5.06 10.67 7.55
N ASN A 111 5.80 11.69 7.12
CA ASN A 111 5.22 12.95 6.59
C ASN A 111 4.32 12.83 5.36
N GLY A 112 4.69 11.94 4.46
CA GLY A 112 3.82 11.52 3.38
C GLY A 112 2.45 11.04 3.85
N HIS A 113 2.40 10.19 4.90
CA HIS A 113 1.11 9.73 5.44
C HIS A 113 0.32 10.88 6.03
N VAL A 114 1.03 11.85 6.58
CA VAL A 114 0.33 12.98 7.18
C VAL A 114 -0.30 13.87 6.09
N ALA A 115 0.50 14.17 5.07
CA ALA A 115 0.06 14.81 3.83
C ALA A 115 -1.23 14.20 3.22
N LEU A 116 -1.27 12.87 3.11
CA LEU A 116 -2.44 12.21 2.53
C LEU A 116 -3.65 12.36 3.41
N SER A 117 -3.39 12.40 4.71
CA SER A 117 -4.46 12.53 5.66
C SER A 117 -5.05 13.95 5.60
N THR A 118 -4.19 14.96 5.50
CA THR A 118 -4.57 16.35 5.26
C THR A 118 -5.35 16.43 3.96
N LEU A 119 -4.81 15.88 2.87
CA LEU A 119 -5.52 15.94 1.60
C LEU A 119 -6.97 15.42 1.63
N GLU A 120 -7.24 14.46 2.52
CA GLU A 120 -8.59 13.94 2.76
C GLU A 120 -9.41 14.99 3.50
N SER A 121 -8.86 15.46 4.63
CA SER A 121 -9.39 16.56 5.44
C SER A 121 -9.86 17.79 4.68
N LEU A 122 -9.09 18.18 3.67
CA LEU A 122 -9.34 19.40 2.95
C LEU A 122 -10.41 19.16 1.95
N GLY A 123 -10.81 17.90 1.82
CA GLY A 123 -11.87 17.51 0.92
C GLY A 123 -11.44 17.01 -0.44
N TYR A 124 -10.14 16.82 -0.64
CA TYR A 124 -9.62 16.34 -1.92
C TYR A 124 -9.58 14.80 -2.08
N LEU A 125 -8.93 14.11 -1.16
CA LEU A 125 -8.68 12.67 -1.28
C LEU A 125 -9.85 11.84 -0.76
N LYS A 126 -10.47 11.08 -1.64
CA LYS A 126 -11.61 10.28 -1.25
C LYS A 126 -11.29 8.90 -0.79
N SER A 127 -10.25 8.27 -1.34
CA SER A 127 -9.79 6.97 -0.80
C SER A 127 -8.38 6.58 -1.18
N VAL A 128 -7.95 5.50 -0.56
CA VAL A 128 -6.63 4.99 -0.77
C VAL A 128 -6.75 3.53 -1.09
N VAL A 129 -6.23 3.18 -2.24
CA VAL A 129 -6.17 1.79 -2.62
C VAL A 129 -4.74 1.40 -2.48
N THR A 130 -4.48 0.35 -1.71
CA THR A 130 -3.13 0.05 -1.39
C THR A 130 -2.80 -1.43 -1.49
N GLN A 131 -1.53 -1.67 -1.81
CA GLN A 131 -0.92 -2.99 -1.77
C GLN A 131 -0.07 -3.28 -0.52
N ASN A 132 0.12 -2.29 0.34
CA ASN A 132 0.84 -2.52 1.60
C ASN A 132 -0.08 -3.22 2.60
N VAL A 133 0.53 -3.96 3.52
CA VAL A 133 -0.17 -4.78 4.48
C VAL A 133 0.17 -4.30 5.92
N ASP A 134 0.66 -3.06 6.06
CA ASP A 134 1.24 -2.65 7.33
C ASP A 134 0.36 -1.74 8.14
N GLY A 135 -0.74 -1.30 7.57
CA GLY A 135 -1.74 -0.52 8.29
C GLY A 135 -1.46 0.97 8.45
N LEU A 136 -0.41 1.50 7.86
CA LEU A 136 -0.02 2.90 8.14
C LEU A 136 -1.00 3.99 7.68
N HIS A 137 -1.57 3.83 6.48
CA HIS A 137 -2.54 4.79 5.97
C HIS A 137 -3.66 4.99 7.01
N GLU A 138 -4.27 3.93 7.52
CA GLU A 138 -5.28 4.03 8.58
C GLU A 138 -4.76 4.71 9.84
N ALA A 139 -3.58 4.26 10.29
CA ALA A 139 -2.98 4.81 11.48
C ALA A 139 -2.92 6.37 11.38
N SER A 140 -2.75 6.91 10.17
CA SER A 140 -2.56 8.38 9.94
C SER A 140 -3.88 9.10 9.88
N GLY A 141 -4.96 8.34 9.88
CA GLY A 141 -6.28 8.95 9.87
C GLY A 141 -7.10 8.76 8.61
N ASN A 142 -6.54 8.18 7.53
CA ASN A 142 -7.41 7.81 6.39
C ASN A 142 -8.56 6.84 6.73
N THR A 143 -9.67 7.06 6.07
CA THR A 143 -10.99 6.62 6.44
C THR A 143 -11.60 5.66 5.43
N LYS A 144 -11.11 5.74 4.20
CA LYS A 144 -11.48 4.74 3.23
C LYS A 144 -10.22 4.18 2.63
N VAL A 145 -9.64 3.21 3.32
CA VAL A 145 -8.46 2.48 2.82
C VAL A 145 -8.89 1.11 2.32
N ILE A 146 -8.68 0.87 1.02
CA ILE A 146 -8.94 -0.42 0.46
C ILE A 146 -7.59 -1.19 0.34
N SER A 147 -7.50 -2.29 1.08
CA SER A 147 -6.33 -3.08 1.22
C SER A 147 -6.36 -4.24 0.32
N LEU A 148 -5.81 -4.10 -0.87
CA LEU A 148 -5.95 -5.17 -1.84
C LEU A 148 -5.24 -6.45 -1.47
N HIS A 149 -4.10 -6.34 -0.77
CA HIS A 149 -3.31 -7.54 -0.32
C HIS A 149 -3.56 -7.88 1.17
N GLY A 150 -4.63 -7.32 1.74
CA GLY A 150 -4.94 -7.64 3.09
C GLY A 150 -4.06 -6.91 4.10
N ASN A 151 -3.83 -7.56 5.22
CA ASN A 151 -3.38 -6.82 6.39
C ASN A 151 -2.85 -7.71 7.51
N VAL A 152 -1.70 -7.33 8.01
CA VAL A 152 -0.94 -8.14 8.92
C VAL A 152 -1.55 -8.20 10.36
N PHE A 153 -2.54 -7.37 10.63
CA PHE A 153 -3.19 -7.33 11.92
C PHE A 153 -4.41 -8.24 12.00
N GLU A 154 -4.58 -9.18 11.09
CA GLU A 154 -5.50 -10.25 11.33
C GLU A 154 -4.98 -11.55 10.85
N ALA A 155 -5.53 -12.61 11.43
CA ALA A 155 -5.07 -13.92 11.23
C ALA A 155 -6.30 -14.77 11.08
N VAL A 156 -6.24 -15.79 10.21
CA VAL A 156 -7.38 -16.65 9.98
C VAL A 156 -6.89 -18.06 10.25
N CYS A 157 -7.72 -18.92 10.84
CA CYS A 157 -7.41 -20.29 10.97
C CYS A 157 -7.72 -20.96 9.62
N CYS A 158 -6.74 -21.68 9.08
CA CYS A 158 -6.94 -22.19 7.80
C CYS A 158 -7.49 -23.57 7.78
N THR A 159 -8.08 -23.98 8.91
CA THR A 159 -9.04 -25.02 8.89
C THR A 159 -10.48 -24.48 9.14
N CYS A 160 -10.75 -23.84 10.31
CA CYS A 160 -12.13 -23.41 10.55
C CYS A 160 -12.50 -21.98 10.18
N ASN A 161 -11.56 -21.13 9.72
CA ASN A 161 -11.89 -19.76 9.25
C ASN A 161 -12.20 -18.88 10.44
N LYS A 162 -11.88 -19.28 11.68
CA LYS A 162 -11.97 -18.33 12.82
C LYS A 162 -11.00 -17.17 12.54
N ILE A 163 -11.45 -15.94 12.64
CA ILE A 163 -10.60 -14.76 12.53
C ILE A 163 -10.15 -14.28 13.91
N VAL A 164 -8.88 -13.86 14.04
CA VAL A 164 -8.35 -13.31 15.28
C VAL A 164 -7.76 -11.94 14.98
N LYS A 165 -8.14 -10.92 15.73
CA LYS A 165 -7.62 -9.61 15.46
C LYS A 165 -6.28 -9.49 16.25
N LEU A 166 -5.30 -8.82 15.68
CA LEU A 166 -4.01 -8.68 16.32
C LEU A 166 -3.73 -7.18 16.31
N ASN A 167 -2.75 -6.76 17.12
CA ASN A 167 -2.20 -5.39 17.07
C ASN A 167 -0.70 -5.51 17.17
N LYS A 168 -0.04 -4.37 17.05
CA LYS A 168 1.37 -4.30 16.93
C LYS A 168 2.01 -5.09 18.09
N ILE A 169 1.55 -4.85 19.31
CA ILE A 169 2.14 -5.46 20.47
C ILE A 169 2.11 -6.98 20.44
N MET A 170 1.06 -7.55 19.87
CA MET A 170 0.97 -9.04 19.69
C MET A 170 1.94 -9.64 18.60
N LEU A 171 2.53 -8.78 17.78
CA LEU A 171 3.43 -9.23 16.71
C LEU A 171 4.89 -9.22 17.18
N GLN A 172 5.15 -8.64 18.37
CA GLN A 172 6.46 -8.60 19.03
C GLN A 172 6.99 -10.02 19.30
N LYS A 173 8.31 -10.19 19.21
CA LYS A 173 8.92 -11.50 19.45
C LYS A 173 8.63 -12.12 20.82
N THR A 174 8.27 -11.29 21.81
CA THR A 174 8.01 -11.73 23.19
C THR A 174 6.52 -12.04 23.48
N SER A 175 5.61 -11.88 22.49
CA SER A 175 4.17 -12.06 22.76
C SER A 175 3.86 -13.55 22.90
N HIS A 176 2.85 -13.87 23.66
CA HIS A 176 2.44 -15.23 23.81
C HIS A 176 2.01 -15.77 22.41
N PHE A 177 1.42 -14.92 21.62
CA PHE A 177 0.84 -15.34 20.36
C PHE A 177 1.97 -15.79 19.39
N MET A 178 3.13 -15.12 19.42
CA MET A 178 4.34 -15.48 18.67
C MET A 178 5.17 -16.62 19.33
N HIS A 179 4.81 -17.08 20.51
CA HIS A 179 5.72 -17.97 21.22
C HIS A 179 6.04 -19.26 20.42
N GLN A 180 5.05 -19.82 19.75
CA GLN A 180 5.24 -21.08 19.03
C GLN A 180 4.65 -20.87 17.65
N LEU A 181 5.47 -21.06 16.62
CA LEU A 181 5.12 -20.72 15.26
C LEU A 181 5.02 -21.98 14.40
N PRO A 182 4.05 -22.03 13.48
CA PRO A 182 2.95 -21.07 13.30
C PRO A 182 1.99 -21.15 14.47
N PRO A 183 1.26 -20.06 14.75
CA PRO A 183 0.31 -20.11 15.89
C PRO A 183 -0.80 -21.11 15.63
N GLU A 184 -1.48 -21.56 16.68
CA GLU A 184 -2.36 -22.74 16.58
C GLU A 184 -3.73 -22.31 17.02
N CYS A 185 -4.81 -22.71 16.34
CA CYS A 185 -6.19 -22.51 16.73
C CYS A 185 -6.50 -23.59 17.78
N PRO A 186 -7.38 -23.21 18.73
CA PRO A 186 -8.06 -24.22 19.53
C PRO A 186 -8.60 -25.43 18.72
N CYS A 187 -9.10 -25.23 17.47
CA CYS A 187 -9.74 -26.31 16.74
C CYS A 187 -8.71 -27.39 16.34
N GLY A 188 -7.41 -27.01 16.44
CA GLY A 188 -6.31 -27.89 15.94
C GLY A 188 -5.67 -27.50 14.59
N GLY A 189 -6.22 -26.50 13.94
CA GLY A 189 -5.65 -25.98 12.71
C GLY A 189 -4.57 -24.98 13.05
N ILE A 190 -4.17 -24.22 12.08
CA ILE A 190 -3.00 -23.36 12.19
C ILE A 190 -3.40 -21.97 11.71
N PHE A 191 -2.91 -20.92 12.30
CA PHE A 191 -3.25 -19.58 11.81
C PHE A 191 -2.41 -19.21 10.64
N LYS A 192 -3.05 -18.53 9.67
CA LYS A 192 -2.40 -17.94 8.51
C LYS A 192 -2.63 -16.41 8.51
N PRO A 193 -1.62 -15.60 8.22
CA PRO A 193 -1.88 -14.12 8.25
C PRO A 193 -2.84 -13.74 7.24
N ASN A 194 -3.57 -12.67 7.48
CA ASN A 194 -4.58 -12.42 6.46
C ASN A 194 -4.07 -11.47 5.34
N ILE A 195 -3.06 -11.94 4.62
CA ILE A 195 -2.48 -11.14 3.56
C ILE A 195 -2.49 -12.05 2.34
N ILE A 196 -2.36 -11.46 1.16
CA ILE A 196 -2.50 -12.23 -0.07
C ILE A 196 -1.07 -12.49 -0.48
N LEU A 197 -0.71 -13.76 -0.63
CA LEU A 197 0.64 -14.10 -1.02
C LEU A 197 0.71 -14.26 -2.54
N PHE A 198 1.92 -14.25 -3.10
CA PHE A 198 2.12 -14.61 -4.52
C PHE A 198 1.51 -15.99 -4.80
N GLY A 199 0.75 -16.12 -5.90
CA GLY A 199 0.04 -17.32 -6.21
C GLY A 199 -1.40 -17.30 -5.70
N GLU A 200 -1.78 -16.28 -4.94
CA GLU A 200 -3.14 -16.29 -4.42
C GLU A 200 -3.94 -15.29 -5.22
N VAL A 201 -5.24 -15.32 -5.00
CA VAL A 201 -6.15 -14.48 -5.69
C VAL A 201 -6.70 -13.39 -4.81
N VAL A 202 -6.51 -12.16 -5.27
CA VAL A 202 -7.11 -10.95 -4.67
C VAL A 202 -8.63 -11.02 -4.69
N SER A 203 -9.27 -10.70 -3.56
CA SER A 203 -10.72 -10.77 -3.37
C SER A 203 -11.48 -9.95 -4.41
N SER A 204 -12.45 -10.58 -5.08
CA SER A 204 -13.13 -9.94 -6.19
C SER A 204 -13.97 -8.77 -5.70
N ASP A 205 -14.60 -8.94 -4.54
CA ASP A 205 -15.27 -7.83 -3.82
C ASP A 205 -14.41 -6.60 -3.54
N LEU A 206 -13.18 -6.82 -3.10
CA LEU A 206 -12.30 -5.72 -2.78
C LEU A 206 -11.88 -5.00 -4.06
N LEU A 207 -11.63 -5.77 -5.11
CA LEU A 207 -11.35 -5.23 -6.45
C LEU A 207 -12.50 -4.43 -7.04
N LYS A 208 -13.73 -4.91 -6.88
CA LYS A 208 -14.88 -4.17 -7.41
C LYS A 208 -14.96 -2.85 -6.64
N GLU A 209 -14.58 -2.86 -5.37
CA GLU A 209 -14.57 -1.65 -4.57
C GLU A 209 -13.55 -0.68 -5.15
N ALA A 210 -12.38 -1.19 -5.39
CA ALA A 210 -11.33 -0.37 -5.89
C ALA A 210 -11.71 0.14 -7.29
N GLU A 211 -12.29 -0.75 -8.11
CA GLU A 211 -12.65 -0.36 -9.46
C GLU A 211 -13.68 0.75 -9.45
N GLU A 212 -14.64 0.71 -8.54
CA GLU A 212 -15.68 1.73 -8.53
C GLU A 212 -15.19 3.08 -8.04
N GLU A 213 -14.28 3.05 -7.08
CA GLU A 213 -13.65 4.24 -6.61
C GLU A 213 -12.84 4.90 -7.72
N ILE A 214 -12.12 4.09 -8.50
CA ILE A 214 -11.48 4.61 -9.71
C ILE A 214 -12.54 5.10 -10.73
N ALA A 215 -13.64 4.37 -10.87
CA ALA A 215 -14.61 4.70 -11.92
C ALA A 215 -15.12 6.11 -11.74
N LYS A 216 -15.23 6.54 -10.49
CA LYS A 216 -15.82 7.84 -10.25
C LYS A 216 -14.80 8.93 -10.10
N CYS A 217 -13.53 8.58 -10.12
CA CYS A 217 -12.56 9.57 -9.79
C CYS A 217 -12.28 10.53 -10.96
N ASP A 218 -11.60 11.64 -10.66
CA ASP A 218 -11.14 12.55 -11.71
C ASP A 218 -9.62 12.77 -11.72
N LEU A 219 -8.91 12.13 -10.77
CA LEU A 219 -7.44 12.02 -10.72
C LEU A 219 -6.99 10.79 -9.92
N LEU A 220 -6.21 9.90 -10.52
CA LEU A 220 -5.57 8.84 -9.77
C LEU A 220 -4.14 9.26 -9.46
N LEU A 221 -3.76 9.18 -8.18
CA LEU A 221 -2.34 9.32 -7.77
C LEU A 221 -1.72 8.00 -7.48
N VAL A 222 -0.66 7.75 -8.21
CA VAL A 222 -0.01 6.47 -8.12
C VAL A 222 1.29 6.73 -7.46
N ILE A 223 1.48 6.19 -6.26
CA ILE A 223 2.55 6.64 -5.37
C ILE A 223 3.36 5.46 -4.86
N GLY A 224 4.66 5.51 -5.13
CA GLY A 224 5.59 4.55 -4.54
C GLY A 224 5.39 3.10 -4.99
N THR A 225 5.29 2.86 -6.31
CA THR A 225 4.92 1.51 -6.80
C THR A 225 5.86 0.79 -7.84
N SER A 226 5.89 -0.55 -7.82
CA SER A 226 6.75 -1.40 -8.69
C SER A 226 6.50 -2.92 -8.46
N SER A 227 7.00 -3.83 -9.31
CA SER A 227 7.84 -3.59 -10.50
C SER A 227 7.10 -3.46 -11.85
N THR A 228 5.85 -3.92 -11.94
CA THR A 228 4.96 -4.03 -10.80
C THR A 228 4.59 -5.47 -10.38
N VAL A 229 3.45 -5.56 -9.72
CA VAL A 229 2.71 -6.77 -9.48
C VAL A 229 1.44 -6.59 -10.35
N SER A 230 0.85 -7.72 -10.74
CA SER A 230 -0.34 -7.68 -11.54
C SER A 230 -1.38 -6.71 -10.95
N THR A 231 -1.41 -6.60 -9.65
CA THR A 231 -2.50 -5.88 -9.01
C THR A 231 -2.60 -4.42 -9.36
N ALA A 232 -1.52 -3.68 -9.19
CA ALA A 232 -1.55 -2.24 -9.42
C ALA A 232 -1.66 -1.95 -10.91
N THR A 233 -1.05 -2.83 -11.67
CA THR A 233 -0.98 -2.66 -13.11
C THR A 233 -2.37 -2.74 -13.74
N ASN A 234 -3.04 -3.85 -13.43
CA ASN A 234 -4.39 -4.10 -13.86
C ASN A 234 -5.34 -2.95 -13.56
N LEU A 235 -5.20 -2.33 -12.39
CA LEU A 235 -5.94 -1.13 -12.00
C LEU A 235 -5.58 0.13 -12.79
N CYS A 236 -4.34 0.23 -13.24
CA CYS A 236 -4.00 1.40 -14.05
C CYS A 236 -4.57 1.24 -15.41
N HIS A 237 -4.56 -0.01 -15.91
CA HIS A 237 -5.15 -0.35 -17.25
C HIS A 237 -6.61 0.03 -17.19
N PHE A 238 -7.28 -0.36 -16.10
CA PHE A 238 -8.66 0.00 -15.83
C PHE A 238 -8.83 1.53 -15.82
N ALA A 239 -7.94 2.25 -15.18
CA ALA A 239 -8.02 3.72 -15.17
C ALA A 239 -7.86 4.34 -16.56
N CYS A 240 -7.03 3.76 -17.43
CA CYS A 240 -7.02 4.13 -18.87
C CYS A 240 -8.28 3.78 -19.67
N LYS A 241 -8.73 2.53 -19.61
CA LYS A 241 -10.06 2.18 -20.05
C LYS A 241 -11.03 3.31 -19.70
N LYS A 242 -11.13 3.70 -18.42
CA LYS A 242 -12.08 4.73 -18.05
C LYS A 242 -11.59 6.13 -18.35
N LYS A 243 -10.59 6.23 -19.21
CA LYS A 243 -10.11 7.52 -19.72
C LYS A 243 -9.82 8.50 -18.59
N LYS A 244 -9.17 8.00 -17.53
CA LYS A 244 -8.88 8.82 -16.35
C LYS A 244 -7.48 9.43 -16.35
N LYS A 245 -7.33 10.54 -15.63
CA LYS A 245 -6.09 11.29 -15.54
C LYS A 245 -5.14 10.69 -14.46
N ILE A 246 -3.93 10.28 -14.83
CA ILE A 246 -3.04 9.55 -13.91
C ILE A 246 -1.76 10.32 -13.62
N VAL A 247 -1.46 10.51 -12.33
CA VAL A 247 -0.17 11.06 -11.91
C VAL A 247 0.65 10.06 -11.02
N GLU A 248 1.84 9.70 -11.49
CA GLU A 248 2.85 9.01 -10.67
C GLU A 248 3.59 9.99 -9.76
N ILE A 249 3.70 9.66 -8.48
CA ILE A 249 4.71 10.31 -7.67
C ILE A 249 5.66 9.20 -7.33
N ASN A 250 6.87 9.31 -7.89
CA ASN A 250 7.92 8.34 -7.64
C ASN A 250 9.36 8.85 -7.75
N ILE A 251 10.22 8.16 -7.00
CA ILE A 251 11.66 8.46 -7.02
C ILE A 251 12.36 8.05 -8.35
N SER A 252 11.58 7.63 -9.37
CA SER A 252 12.09 7.04 -10.61
C SER A 252 10.99 6.60 -11.59
N LYS A 253 11.30 6.47 -12.89
CA LYS A 253 10.42 5.90 -13.92
C LYS A 253 9.93 4.50 -13.52
N THR A 254 8.75 4.10 -13.99
CA THR A 254 8.29 2.76 -13.65
C THR A 254 7.61 2.11 -14.85
N TYR A 255 7.20 0.87 -14.68
CA TYR A 255 6.60 0.12 -15.77
C TYR A 255 5.58 0.96 -16.59
N ILE A 256 4.74 1.70 -15.90
CA ILE A 256 3.67 2.49 -16.52
C ILE A 256 4.11 3.86 -17.02
N THR A 257 5.29 4.34 -16.65
CA THR A 257 5.76 5.58 -17.24
C THR A 257 5.88 5.35 -18.77
N ASN A 258 5.29 6.24 -19.55
CA ASN A 258 5.27 6.13 -21.02
C ASN A 258 4.37 5.01 -21.56
N LYS A 259 3.71 4.27 -20.68
CA LYS A 259 2.67 3.39 -21.14
C LYS A 259 1.34 3.98 -20.67
N MET A 260 1.17 4.17 -19.36
CA MET A 260 -0.15 4.58 -18.80
C MET A 260 -0.27 5.88 -18.02
N SER A 261 0.82 6.44 -17.50
CA SER A 261 0.70 7.68 -16.71
C SER A 261 0.74 8.96 -17.55
N ASP A 262 -0.14 9.92 -17.25
CA ASP A 262 -0.14 11.21 -17.95
C ASP A 262 0.93 12.19 -17.50
N TYR A 263 1.29 12.14 -16.23
CA TYR A 263 2.32 12.99 -15.67
C TYR A 263 3.04 12.15 -14.67
N HIS A 264 4.25 12.59 -14.34
CA HIS A 264 5.14 11.96 -13.42
C HIS A 264 5.87 13.07 -12.67
N VAL A 265 5.90 12.93 -11.35
CA VAL A 265 6.59 13.78 -10.40
C VAL A 265 7.71 12.96 -9.79
N CYS A 266 8.96 13.42 -9.91
CA CYS A 266 10.08 12.69 -9.33
C CYS A 266 10.28 13.18 -7.91
N ALA A 267 9.90 12.36 -6.94
CA ALA A 267 9.82 12.82 -5.57
C ALA A 267 9.63 11.66 -4.61
N LYS A 268 10.12 11.84 -3.39
CA LYS A 268 9.92 10.88 -2.32
C LYS A 268 8.57 11.10 -1.68
N PHE A 269 7.94 9.99 -1.31
CA PHE A 269 6.61 10.04 -0.73
C PHE A 269 6.43 11.20 0.24
N SER A 270 7.46 11.51 1.02
CA SER A 270 7.29 12.51 2.07
C SER A 270 7.46 13.97 1.63
N GLU A 271 7.89 14.19 0.39
CA GLU A 271 7.98 15.55 -0.14
C GLU A 271 6.61 16.02 -0.48
N LEU A 272 5.66 15.10 -0.35
CA LEU A 272 4.27 15.37 -0.53
C LEU A 272 3.68 16.35 0.49
N THR A 273 4.33 16.57 1.63
CA THR A 273 3.85 17.60 2.57
C THR A 273 3.98 19.01 2.00
N LYS A 274 4.74 19.16 0.92
CA LYS A 274 4.84 20.44 0.23
C LYS A 274 3.55 20.67 -0.51
N VAL A 275 2.96 19.59 -1.03
CA VAL A 275 1.72 19.72 -1.78
C VAL A 275 0.63 20.02 -0.77
N ALA A 276 0.62 19.27 0.33
CA ALA A 276 -0.34 19.52 1.39
C ALA A 276 -0.19 20.94 1.97
N ASN A 277 1.04 21.46 2.10
CA ASN A 277 1.23 22.84 2.57
C ASN A 277 0.62 23.89 1.65
N ILE A 278 0.89 23.76 0.37
CA ILE A 278 0.38 24.69 -0.59
C ILE A 278 -1.15 24.69 -0.57
N LEU A 279 -1.76 23.51 -0.40
CA LEU A 279 -3.22 23.39 -0.38
C LEU A 279 -3.94 23.78 0.92
N LYS A 280 -3.23 23.67 2.03
CA LYS A 280 -3.78 24.06 3.33
C LYS A 280 -3.77 25.59 3.52
N GLY A 281 -2.71 26.26 3.06
CA GLY A 281 -2.55 27.72 3.21
C GLY A 281 -3.44 28.49 2.26
N SER A 282 -3.71 27.87 1.12
CA SER A 282 -4.67 28.38 0.17
C SER A 282 -6.09 28.14 0.69
N SER A 283 -6.22 27.15 1.58
CA SER A 283 -7.48 26.86 2.28
C SER A 283 -7.79 27.96 3.34
N GLU A 284 -6.75 28.69 3.76
CA GLU A 284 -6.90 29.84 4.65
C GLU A 284 -7.35 31.13 3.96
N LYS A 285 -7.68 31.06 2.67
CA LYS A 285 -8.66 32.01 2.08
C LYS A 285 -9.93 31.78 2.90
N ASN A 286 -9.90 32.29 4.13
CA ASN A 286 -10.81 31.82 5.17
C ASN A 286 -11.22 32.93 6.12
N LYS A 287 -10.36 33.94 6.23
CA LYS A 287 -10.69 35.13 7.00
C LYS A 287 -11.61 35.95 6.13
N LYS A 288 -12.59 36.61 6.74
CA LYS A 288 -13.41 37.55 5.98
C LYS A 288 -12.49 38.61 5.44
N ILE A 289 -12.65 38.93 4.17
CA ILE A 289 -12.14 40.20 3.68
C ILE A 289 -10.61 40.20 3.65
N THR B 3 -9.28 -14.31 -13.48
CA THR B 3 -8.39 -14.72 -12.36
C THR B 3 -7.36 -13.63 -12.03
N ALA B 4 -7.57 -12.94 -10.93
CA ALA B 4 -6.73 -11.81 -10.51
C ALA B 4 -5.58 -12.27 -9.57
N ARG B 5 -4.80 -13.26 -10.02
CA ARG B 5 -3.73 -13.83 -9.24
C ARG B 5 -2.63 -12.83 -8.94
C MYK B 6 0.20 -12.46 -7.94
N MYK B 6 -2.22 -12.74 -7.66
O MYK B 6 0.66 -13.61 -7.67
CA MYK B 6 -1.07 -11.89 -7.30
CB MYK B 6 -1.02 -11.64 -5.82
CD MYK B 6 0.25 -10.90 -3.90
CE MYK B 6 1.23 -9.86 -3.38
CG MYK B 6 0.03 -10.65 -5.40
CI MYK B 6 4.39 -9.83 1.26
CK MYK B 6 5.05 -10.94 2.08
CL MYK B 6 4.89 -10.70 3.60
CM MYK B 6 5.73 -9.55 4.17
CP MYK B 6 5.36 -9.06 5.58
CQ MYK B 6 5.20 -5.80 7.59
CR MYK B 6 5.48 -7.53 5.75
CS MYK B 6 4.31 -5.66 8.80
CT MYK B 6 3.33 -10.45 0.39
CU MYK B 6 5.30 -7.26 7.25
CV MYK B 6 4.25 -4.00 10.67
CW MYK B 6 4.94 -5.24 10.11
CX MYK B 6 1.97 -9.07 -1.17
OX MYK B 6 2.25 -7.91 -1.51
CY MYK B 6 2.18 -9.46 0.28
NZ MYK B 6 1.51 -10.05 -1.98
N SER B 7 0.77 -11.65 -8.80
CA SER B 7 1.89 -12.13 -9.54
C SER B 7 2.83 -11.04 -9.84
N THR B 8 4.01 -11.53 -10.16
CA THR B 8 5.22 -10.79 -10.32
C THR B 8 5.21 -10.23 -11.75
N GLY B 9 5.45 -8.92 -11.84
CA GLY B 9 5.10 -8.12 -13.03
C GLY B 9 5.95 -8.27 -14.27
C1 GOL C . 3.75 -5.03 2.22
O1 GOL C . 4.32 -5.71 1.11
C2 GOL C . 4.36 -3.66 2.50
O2 GOL C . 3.86 -3.19 3.72
C3 GOL C . 5.90 -3.68 2.49
O3 GOL C . 6.37 -2.33 2.42
ZN ZN D . -9.58 -23.37 13.63
#